data_3PE5
#
_entry.id   3PE5
#
_cell.length_a   70.778
_cell.length_b   49.617
_cell.length_c   105.282
_cell.angle_alpha   90.000
_cell.angle_beta   106.350
_cell.angle_gamma   90.000
#
_symmetry.space_group_name_H-M   'P 1 21 1'
#
loop_
_entity.id
_entity.type
_entity.pdbx_description
1 polymer 'Uncharacterized protein'
2 water water
#
_entity_poly.entity_id   1
_entity_poly.type   'polypeptide(L)'
_entity_poly.pdbx_seq_one_letter_code
;(MSE)ASNRRYQEPQNRDISSRSNGKNPFKRSTGRKVSNVIIIILCVVFSGLGGVIVYAHGLLAG(MSE)YQNLDSTVLD
SSAKESLTASSNSSNTSSIAEIPANIDGTLIKDP(MSE)VLNI(MSE)LFGSDERPGETGYGRSDT(MSE)(MSE)LLSI
DNRNKKLKLTSF(MSE)RDTYVNVPEWGDTKLTHAYSYGGPALAIETIERNFGIDIDRYAVVYFDTFPGIVDTLGGIEVE
(MSE)TQTEADV(MSE)NESVGPEFANFTEGKNTLNGATALVYVRIRYGVGDDFGRTQRQRDF(MSE)LQVLNKVKGTRD
VGTLLTLLTKILPGVTTNISVNE(MSE)AGLAGGAISSY(MSE)DYP(MSE)YQFRLPEDGAFSAVDVDAGNVLAIDDWD
AAREHLQRFIYEDTVDPIYGPSTETYGSE(MSE)GSSKTAGSSSLSGYSEDLEHHHHHH
;
_entity_poly.pdbx_strand_id   A,B
#
# COMPACT_ATOMS: atom_id res chain seq x y z
N THR A 101 13.73 20.37 -26.15
CA THR A 101 14.68 19.57 -26.91
C THR A 101 14.47 18.07 -26.68
N LEU A 102 14.09 17.71 -25.46
CA LEU A 102 13.83 16.32 -25.09
C LEU A 102 12.41 15.93 -25.43
N ILE A 103 12.24 14.69 -25.89
CA ILE A 103 10.91 14.19 -26.21
C ILE A 103 10.15 13.89 -24.93
N LYS A 104 8.97 14.50 -24.81
CA LYS A 104 8.22 14.41 -23.56
C LYS A 104 6.71 14.36 -23.78
N ASP A 105 6.12 13.22 -23.46
CA ASP A 105 4.68 13.04 -23.60
C ASP A 105 4.05 12.94 -22.20
N PRO A 106 3.08 13.82 -21.89
CA PRO A 106 2.35 13.82 -20.61
C PRO A 106 1.70 12.47 -20.36
N MSE A 107 1.29 11.82 -21.45
CA MSE A 107 0.65 10.52 -21.39
C MSE A 107 1.65 9.38 -21.25
O MSE A 107 1.28 8.28 -20.85
CB MSE A 107 -0.21 10.31 -22.62
CG MSE A 107 -1.24 11.40 -22.87
SE MSE A 107 -2.64 10.73 -24.05
CE MSE A 107 -3.54 9.61 -22.73
N VAL A 108 2.92 9.63 -21.56
CA VAL A 108 3.94 8.62 -21.31
C VAL A 108 4.83 8.95 -20.12
N LEU A 109 4.80 8.09 -19.11
CA LEU A 109 5.53 8.34 -17.88
C LEU A 109 6.80 7.50 -17.81
N ASN A 110 7.93 8.19 -17.74
CA ASN A 110 9.23 7.52 -17.77
C ASN A 110 9.90 7.46 -16.39
N ILE A 111 9.99 6.25 -15.87
CA ILE A 111 10.60 6.03 -14.58
C ILE A 111 11.80 5.14 -14.78
N MSE A 112 12.98 5.65 -14.49
CA MSE A 112 14.17 4.85 -14.70
C MSE A 112 14.33 3.91 -13.53
O MSE A 112 14.10 4.29 -12.39
CB MSE A 112 15.42 5.74 -14.83
CG MSE A 112 16.73 4.95 -14.96
SE MSE A 112 16.82 3.99 -16.68
CE MSE A 112 16.41 5.58 -17.72
N LEU A 113 14.73 2.68 -13.83
CA LEU A 113 14.97 1.69 -12.78
C LEU A 113 16.43 1.25 -12.81
N PHE A 114 17.08 1.26 -11.64
CA PHE A 114 18.47 0.82 -11.54
C PHE A 114 18.53 -0.44 -10.70
N GLY A 115 19.18 -1.48 -11.21
CA GLY A 115 19.41 -2.68 -10.44
C GLY A 115 20.82 -2.57 -9.90
N SER A 116 20.94 -2.58 -8.58
CA SER A 116 22.24 -2.35 -7.94
C SER A 116 22.51 -3.39 -6.85
N ASP A 117 23.70 -3.97 -6.92
CA ASP A 117 24.18 -4.87 -5.90
C ASP A 117 25.32 -4.16 -5.16
N GLU A 118 25.21 -2.84 -5.04
CA GLU A 118 26.17 -2.06 -4.26
C GLU A 118 25.58 -0.73 -3.78
N ARG A 119 25.03 -0.76 -2.57
CA ARG A 119 24.51 0.44 -1.93
C ARG A 119 25.64 1.44 -1.71
N PRO A 120 25.29 2.73 -1.59
CA PRO A 120 26.30 3.78 -1.40
C PRO A 120 27.34 3.38 -0.35
N GLY A 121 28.62 3.47 -0.72
CA GLY A 121 29.69 3.12 0.17
C GLY A 121 29.90 4.23 1.19
N GLU A 122 29.03 5.24 1.11
CA GLU A 122 28.96 6.28 2.13
C GLU A 122 30.00 7.44 1.98
N THR A 123 31.02 7.20 1.17
CA THR A 123 31.50 8.22 0.24
C THR A 123 30.99 7.65 -1.08
N GLY A 124 30.23 8.43 -1.85
CA GLY A 124 29.76 7.96 -3.13
C GLY A 124 28.34 7.43 -3.20
N TYR A 125 28.12 6.60 -4.21
CA TYR A 125 26.79 6.26 -4.68
C TYR A 125 26.66 4.78 -4.91
N GLY A 126 27.72 4.04 -4.61
CA GLY A 126 27.78 2.65 -4.93
C GLY A 126 27.79 2.51 -6.42
N ARG A 127 27.18 1.45 -6.91
CA ARG A 127 27.28 1.09 -8.31
C ARG A 127 26.00 0.39 -8.78
N SER A 128 25.69 0.56 -10.06
CA SER A 128 24.55 -0.07 -10.71
C SER A 128 24.88 -0.52 -12.13
N ASP A 129 25.01 -1.82 -12.34
CA ASP A 129 25.25 -2.37 -13.68
C ASP A 129 24.02 -2.41 -14.59
N THR A 130 22.84 -2.30 -14.00
CA THR A 130 21.59 -2.48 -14.76
C THR A 130 20.76 -1.22 -14.81
N MSE A 131 20.33 -0.86 -16.02
CA MSE A 131 19.50 0.32 -16.21
C MSE A 131 18.38 0.04 -17.16
O MSE A 131 18.57 -0.47 -18.26
CB MSE A 131 20.32 1.50 -16.73
CG MSE A 131 21.29 2.06 -15.71
SE MSE A 131 22.37 3.50 -16.48
CE MSE A 131 20.91 4.54 -17.24
N MSE A 132 17.18 0.38 -16.73
CA MSE A 132 16.00 -0.09 -17.41
C MSE A 132 14.89 0.93 -17.31
O MSE A 132 14.28 1.10 -16.25
CB MSE A 132 15.58 -1.41 -16.78
CG MSE A 132 14.41 -2.08 -17.49
SE MSE A 132 13.96 -3.76 -16.64
CE MSE A 132 15.51 -4.82 -17.09
N LEU A 133 14.65 1.65 -18.39
CA LEU A 133 13.58 2.60 -18.42
C LEU A 133 12.21 1.90 -18.45
N LEU A 134 11.36 2.27 -17.53
CA LEU A 134 9.96 1.86 -17.57
C LEU A 134 9.16 2.98 -18.19
N SER A 135 8.54 2.72 -19.33
CA SER A 135 7.74 3.76 -19.95
C SER A 135 6.27 3.36 -19.84
N ILE A 136 5.54 4.09 -19.01
CA ILE A 136 4.11 3.88 -18.87
C ILE A 136 3.45 4.61 -20.01
N ASP A 137 3.12 3.88 -21.06
CA ASP A 137 2.59 4.51 -22.24
C ASP A 137 1.06 4.49 -22.17
N ASN A 138 0.51 5.55 -21.59
CA ASN A 138 -0.93 5.69 -21.50
C ASN A 138 -1.59 6.00 -22.84
N ARG A 139 -0.84 6.62 -23.75
CA ARG A 139 -1.37 6.93 -25.08
C ARG A 139 -1.71 5.66 -25.86
N ASN A 140 -0.84 4.67 -25.80
CA ASN A 140 -1.06 3.44 -26.55
C ASN A 140 -1.36 2.26 -25.64
N LYS A 141 -1.66 2.55 -24.37
CA LYS A 141 -1.97 1.52 -23.38
C LYS A 141 -0.96 0.39 -23.44
N LYS A 142 0.26 0.66 -23.02
CA LYS A 142 1.36 -0.31 -23.10
C LYS A 142 2.38 -0.04 -22.02
N LEU A 143 3.07 -1.10 -21.59
CA LEU A 143 4.23 -0.96 -20.72
C LEU A 143 5.48 -1.32 -21.51
N LYS A 144 6.49 -0.46 -21.46
CA LYS A 144 7.70 -0.66 -22.23
C LYS A 144 8.95 -0.58 -21.36
N LEU A 145 9.79 -1.60 -21.48
CA LEU A 145 10.99 -1.69 -20.67
C LEU A 145 12.23 -1.65 -21.56
N THR A 146 12.88 -0.49 -21.59
CA THR A 146 14.09 -0.29 -22.38
C THR A 146 15.33 -0.40 -21.53
N SER A 147 16.15 -1.39 -21.83
CA SER A 147 17.43 -1.57 -21.18
C SER A 147 18.55 -0.79 -21.90
N PHE A 148 19.52 -0.28 -21.13
CA PHE A 148 20.70 0.37 -21.69
C PHE A 148 21.92 -0.35 -21.16
N MSE A 149 22.81 -0.76 -22.05
CA MSE A 149 23.90 -1.63 -21.62
C MSE A 149 24.95 -0.93 -20.77
O MSE A 149 25.23 0.25 -20.96
CB MSE A 149 24.52 -2.34 -22.82
CG MSE A 149 23.48 -3.12 -23.63
SE MSE A 149 24.28 -4.27 -25.01
CE MSE A 149 25.09 -5.56 -23.81
N ARG A 150 25.48 -1.67 -19.81
CA ARG A 150 26.39 -1.12 -18.82
C ARG A 150 27.55 -0.37 -19.49
N ASP A 151 28.08 -0.95 -20.56
CA ASP A 151 29.32 -0.48 -21.17
C ASP A 151 29.11 0.34 -22.41
N THR A 152 27.89 0.75 -22.68
CA THR A 152 27.64 1.65 -23.80
C THR A 152 28.55 2.89 -23.70
N TYR A 153 29.24 3.21 -24.78
CA TYR A 153 30.12 4.39 -24.85
C TYR A 153 29.28 5.65 -25.00
N VAL A 154 29.21 6.46 -23.95
CA VAL A 154 28.35 7.64 -24.01
C VAL A 154 29.04 8.89 -23.51
N ASN A 155 28.37 10.00 -23.74
CA ASN A 155 28.88 11.28 -23.31
C ASN A 155 28.28 11.70 -21.97
N VAL A 156 29.06 11.53 -20.92
CA VAL A 156 28.65 11.92 -19.58
C VAL A 156 28.95 13.40 -19.40
N PRO A 157 27.92 14.18 -19.05
CA PRO A 157 28.12 15.59 -18.69
C PRO A 157 29.34 15.79 -17.78
N GLU A 158 30.24 16.66 -18.21
CA GLU A 158 31.46 17.02 -17.48
C GLU A 158 32.50 15.93 -17.39
N TRP A 159 32.25 14.77 -17.97
CA TRP A 159 33.24 13.70 -17.94
C TRP A 159 33.62 13.19 -19.32
N GLY A 160 33.03 13.77 -20.36
CA GLY A 160 33.29 13.36 -21.72
C GLY A 160 32.79 11.96 -22.06
N ASP A 161 33.44 11.32 -23.03
CA ASP A 161 33.05 9.99 -23.48
C ASP A 161 33.56 8.87 -22.57
N THR A 162 32.66 7.99 -22.15
CA THR A 162 33.02 6.91 -21.22
C THR A 162 31.89 5.89 -21.10
N LYS A 163 32.11 4.81 -20.33
CA LYS A 163 31.08 3.81 -20.09
C LYS A 163 29.86 4.41 -19.37
N LEU A 164 28.66 3.97 -19.76
CA LEU A 164 27.43 4.53 -19.24
C LEU A 164 27.36 4.37 -17.72
N THR A 165 27.86 3.24 -17.24
CA THR A 165 27.76 2.87 -15.85
C THR A 165 28.61 3.84 -15.00
N HIS A 166 29.69 4.35 -15.58
CA HIS A 166 30.54 5.28 -14.85
C HIS A 166 29.77 6.51 -14.40
N ALA A 167 28.75 6.90 -15.16
CA ALA A 167 27.89 8.03 -14.76
C ALA A 167 27.31 7.82 -13.38
N TYR A 168 26.87 6.60 -13.09
CA TYR A 168 26.29 6.28 -11.79
C TYR A 168 27.38 6.31 -10.71
N SER A 169 28.46 5.57 -10.93
CA SER A 169 29.63 5.67 -10.05
C SER A 169 29.97 7.12 -9.66
N TYR A 170 30.08 7.99 -10.67
CA TYR A 170 30.50 9.37 -10.47
C TYR A 170 29.43 10.30 -9.89
N GLY A 171 28.16 10.04 -10.20
CA GLY A 171 27.14 11.02 -9.89
C GLY A 171 25.81 10.43 -9.47
N GLY A 172 25.82 9.12 -9.26
CA GLY A 172 24.60 8.42 -8.90
C GLY A 172 23.44 8.55 -9.89
N PRO A 173 22.24 8.11 -9.47
CA PRO A 173 21.05 8.15 -10.30
C PRO A 173 20.94 9.43 -11.12
N ALA A 174 21.18 10.57 -10.50
CA ALA A 174 20.97 11.87 -11.15
C ALA A 174 21.84 12.11 -12.38
N LEU A 175 23.09 11.65 -12.31
CA LEU A 175 24.01 11.85 -13.42
C LEU A 175 23.71 10.83 -14.51
N ALA A 176 23.45 9.58 -14.11
CA ALA A 176 23.07 8.54 -15.06
C ALA A 176 21.85 8.99 -15.85
N ILE A 177 20.85 9.55 -15.16
CA ILE A 177 19.62 10.06 -15.79
C ILE A 177 19.97 11.12 -16.84
N GLU A 178 20.83 12.05 -16.46
CA GLU A 178 21.16 13.17 -17.31
C GLU A 178 21.92 12.71 -18.52
N THR A 179 22.74 11.68 -18.33
CA THR A 179 23.51 11.08 -19.41
C THR A 179 22.58 10.42 -20.43
N ILE A 180 21.54 9.75 -19.94
CA ILE A 180 20.56 9.12 -20.82
C ILE A 180 19.80 10.18 -21.61
N GLU A 181 19.40 11.25 -20.94
CA GLU A 181 18.66 12.31 -21.60
C GLU A 181 19.51 12.99 -22.68
N ARG A 182 20.78 13.22 -22.38
CA ARG A 182 21.60 13.99 -23.30
C ARG A 182 21.97 13.12 -24.50
N ASN A 183 22.20 11.84 -24.25
CA ASN A 183 22.61 10.93 -25.32
C ASN A 183 21.45 10.40 -26.15
N PHE A 184 20.25 10.33 -25.58
CA PHE A 184 19.12 9.66 -26.23
C PHE A 184 17.96 10.61 -26.56
N GLY A 185 17.95 11.78 -25.93
CA GLY A 185 16.98 12.81 -26.26
C GLY A 185 15.56 12.67 -25.73
N ILE A 186 15.34 11.83 -24.72
CA ILE A 186 14.04 11.73 -24.06
C ILE A 186 14.09 12.25 -22.63
N ASP A 187 12.93 12.60 -22.08
CA ASP A 187 12.86 13.17 -20.74
C ASP A 187 12.41 12.16 -19.68
N ILE A 188 13.31 11.81 -18.78
CA ILE A 188 13.02 10.92 -17.66
C ILE A 188 12.29 11.65 -16.53
N ASP A 189 11.12 11.13 -16.16
CA ASP A 189 10.31 11.73 -15.09
C ASP A 189 10.84 11.45 -13.68
N ARG A 190 10.98 10.18 -13.34
CA ARG A 190 11.38 9.79 -12.00
C ARG A 190 12.38 8.65 -12.07
N TYR A 191 12.89 8.22 -10.93
CA TYR A 191 13.76 7.05 -10.90
C TYR A 191 13.58 6.26 -9.60
N ALA A 192 14.02 5.01 -9.60
CA ALA A 192 13.98 4.17 -8.43
C ALA A 192 15.17 3.22 -8.51
N VAL A 193 15.94 3.13 -7.44
CA VAL A 193 17.02 2.17 -7.37
C VAL A 193 16.55 0.99 -6.52
N VAL A 194 16.75 -0.21 -7.02
CA VAL A 194 16.37 -1.40 -6.27
C VAL A 194 17.57 -2.29 -6.03
N TYR A 195 17.84 -2.58 -4.75
CA TYR A 195 19.03 -3.32 -4.37
C TYR A 195 18.81 -4.81 -4.38
N PHE A 196 19.85 -5.53 -4.78
CA PHE A 196 19.76 -6.98 -4.92
C PHE A 196 19.38 -7.68 -3.61
N ASP A 197 19.65 -7.04 -2.47
CA ASP A 197 19.34 -7.69 -1.20
C ASP A 197 17.85 -7.63 -0.89
N THR A 198 17.14 -6.84 -1.68
CA THR A 198 15.69 -6.75 -1.60
C THR A 198 15.05 -7.96 -2.29
N PHE A 199 15.86 -8.69 -3.06
CA PHE A 199 15.35 -9.67 -4.01
C PHE A 199 14.70 -10.91 -3.40
N PRO A 200 15.41 -11.55 -2.46
CA PRO A 200 14.83 -12.72 -1.78
C PRO A 200 13.41 -12.44 -1.28
N GLY A 201 13.20 -11.28 -0.66
CA GLY A 201 11.87 -10.94 -0.22
C GLY A 201 10.90 -10.95 -1.37
N ILE A 202 11.33 -10.37 -2.49
CA ILE A 202 10.47 -10.21 -3.65
C ILE A 202 10.08 -11.57 -4.21
N VAL A 203 11.07 -12.42 -4.41
CA VAL A 203 10.86 -13.72 -5.02
C VAL A 203 9.88 -14.54 -4.20
N ASP A 204 10.19 -14.71 -2.91
CA ASP A 204 9.33 -15.50 -2.05
C ASP A 204 7.91 -14.96 -2.07
N THR A 205 7.76 -13.64 -1.88
CA THR A 205 6.43 -13.05 -1.91
C THR A 205 5.71 -13.36 -3.22
N LEU A 206 6.48 -13.56 -4.31
CA LEU A 206 5.89 -13.92 -5.59
C LEU A 206 5.75 -15.43 -5.76
N GLY A 207 6.42 -16.20 -4.91
CA GLY A 207 6.23 -17.63 -4.90
C GLY A 207 7.11 -18.31 -5.92
N GLY A 208 8.26 -17.69 -6.20
CA GLY A 208 9.22 -18.27 -7.09
C GLY A 208 9.31 -17.54 -8.42
N ILE A 209 10.48 -17.58 -9.04
CA ILE A 209 10.65 -17.02 -10.37
C ILE A 209 11.30 -18.10 -11.23
N GLU A 210 10.78 -18.26 -12.44
CA GLU A 210 11.31 -19.30 -13.34
C GLU A 210 12.27 -18.76 -14.39
N VAL A 211 13.45 -19.36 -14.44
CA VAL A 211 14.49 -18.97 -15.37
C VAL A 211 14.93 -20.20 -16.14
N GLU A 212 15.85 -20.01 -17.07
CA GLU A 212 16.38 -21.13 -17.83
C GLU A 212 17.83 -20.93 -18.18
N MSE A 213 18.57 -22.03 -18.28
CA MSE A 213 19.95 -21.98 -18.75
C MSE A 213 20.53 -23.39 -18.93
O MSE A 213 20.03 -24.35 -18.36
CB MSE A 213 20.82 -21.13 -17.81
CG MSE A 213 22.29 -21.17 -18.13
SE MSE A 213 23.27 -19.66 -17.41
CE MSE A 213 22.46 -18.23 -18.47
N THR A 214 21.57 -23.47 -19.75
CA THR A 214 22.23 -24.73 -20.09
C THR A 214 22.59 -25.61 -18.88
N GLN A 215 23.27 -26.72 -19.15
CA GLN A 215 23.73 -27.60 -18.08
C GLN A 215 24.87 -26.97 -17.30
N THR A 216 25.30 -25.78 -17.71
CA THR A 216 26.30 -25.04 -16.97
C THR A 216 25.68 -24.25 -15.81
N GLU A 217 24.44 -23.77 -15.97
CA GLU A 217 23.71 -23.20 -14.84
C GLU A 217 23.68 -24.17 -13.68
N ALA A 218 23.09 -25.34 -13.93
CA ALA A 218 22.91 -26.36 -12.91
C ALA A 218 24.21 -26.67 -12.18
N ASP A 219 25.32 -26.76 -12.91
CA ASP A 219 26.62 -26.96 -12.29
C ASP A 219 26.93 -25.84 -11.29
N VAL A 220 27.22 -24.66 -11.82
CA VAL A 220 27.55 -23.52 -10.98
C VAL A 220 26.45 -23.26 -9.94
N MSE A 221 25.22 -23.63 -10.26
CA MSE A 221 24.11 -23.43 -9.34
C MSE A 221 24.03 -24.52 -8.27
O MSE A 221 23.88 -24.23 -7.09
CB MSE A 221 22.79 -23.30 -10.09
CG MSE A 221 22.63 -21.99 -10.87
SE MSE A 221 22.75 -20.37 -9.78
CE MSE A 221 20.96 -20.33 -9.01
N ASN A 222 24.10 -25.76 -8.71
CA ASN A 222 23.97 -26.90 -7.81
C ASN A 222 25.16 -27.07 -6.89
N GLU A 223 26.33 -26.63 -7.35
CA GLU A 223 27.54 -26.76 -6.53
C GLU A 223 27.82 -25.48 -5.76
N SER A 224 26.89 -24.52 -5.85
CA SER A 224 26.94 -23.30 -5.06
C SER A 224 26.11 -23.43 -3.79
N VAL A 225 24.89 -23.93 -3.95
CA VAL A 225 24.00 -24.21 -2.81
C VAL A 225 24.29 -25.57 -2.19
N GLY A 226 23.73 -25.81 -1.01
CA GLY A 226 23.88 -27.11 -0.38
C GLY A 226 23.64 -28.26 -1.34
N PRO A 227 24.43 -29.34 -1.21
CA PRO A 227 24.13 -30.56 -1.96
C PRO A 227 22.65 -30.95 -1.86
N GLU A 228 21.98 -30.58 -0.77
CA GLU A 228 20.56 -30.90 -0.60
C GLU A 228 19.63 -29.78 -1.04
N PHE A 229 20.20 -28.67 -1.51
CA PHE A 229 19.43 -27.61 -2.12
C PHE A 229 19.70 -27.62 -3.61
N ALA A 230 20.77 -28.33 -3.97
CA ALA A 230 21.09 -28.59 -5.37
C ALA A 230 19.93 -29.33 -6.05
N ASN A 231 19.16 -28.59 -6.82
CA ASN A 231 17.97 -29.13 -7.46
C ASN A 231 17.81 -28.58 -8.89
N PHE A 232 18.93 -28.22 -9.52
CA PHE A 232 18.91 -27.53 -10.80
C PHE A 232 19.18 -28.43 -12.02
N THR A 233 18.41 -28.21 -13.08
CA THR A 233 18.44 -29.03 -14.30
C THR A 233 18.98 -28.25 -15.50
N GLU A 234 18.27 -28.30 -16.63
CA GLU A 234 18.69 -27.58 -17.83
C GLU A 234 17.59 -26.62 -18.30
N GLY A 235 16.34 -27.05 -18.17
CA GLY A 235 15.25 -26.21 -18.64
C GLY A 235 14.77 -25.20 -17.64
N LYS A 236 13.57 -25.45 -17.12
CA LYS A 236 12.91 -24.51 -16.25
C LYS A 236 13.10 -24.84 -14.78
N ASN A 237 13.98 -24.07 -14.16
CA ASN A 237 14.20 -24.11 -12.73
C ASN A 237 13.51 -22.95 -12.08
N THR A 238 12.78 -23.23 -11.01
CA THR A 238 12.16 -22.18 -10.22
C THR A 238 13.12 -21.77 -9.12
N LEU A 239 13.38 -20.47 -9.00
CA LEU A 239 14.22 -19.97 -7.93
C LEU A 239 13.32 -19.48 -6.81
N ASN A 240 13.75 -19.69 -5.56
CA ASN A 240 13.20 -18.94 -4.43
C ASN A 240 14.05 -17.70 -4.17
N GLY A 241 13.58 -16.85 -3.26
CA GLY A 241 14.33 -15.67 -2.89
C GLY A 241 15.81 -15.96 -2.67
N ALA A 242 16.08 -17.04 -1.95
CA ALA A 242 17.46 -17.39 -1.64
C ALA A 242 18.28 -17.67 -2.90
N THR A 243 17.76 -18.52 -3.78
CA THR A 243 18.51 -18.93 -4.97
C THR A 243 18.61 -17.81 -5.99
N ALA A 244 17.57 -16.99 -6.04
CA ALA A 244 17.52 -15.84 -6.94
C ALA A 244 18.74 -14.99 -6.71
N LEU A 245 18.97 -14.62 -5.46
CA LEU A 245 20.14 -13.83 -5.08
C LEU A 245 21.44 -14.49 -5.53
N VAL A 246 21.57 -15.80 -5.32
CA VAL A 246 22.72 -16.52 -5.84
C VAL A 246 22.80 -16.46 -7.37
N TYR A 247 21.64 -16.60 -8.01
CA TYR A 247 21.54 -16.66 -9.45
C TYR A 247 22.09 -15.40 -10.13
N VAL A 248 21.70 -14.24 -9.61
CA VAL A 248 22.07 -12.94 -10.18
C VAL A 248 23.50 -12.47 -9.85
N ARG A 249 24.20 -13.19 -8.98
CA ARG A 249 25.57 -12.82 -8.65
C ARG A 249 26.57 -13.78 -9.26
N ILE A 250 26.12 -14.97 -9.58
CA ILE A 250 27.02 -16.02 -10.05
C ILE A 250 27.72 -15.62 -11.34
N ARG A 251 29.05 -15.72 -11.36
CA ARG A 251 29.81 -15.49 -12.59
C ARG A 251 30.80 -16.62 -12.87
N TYR A 252 30.63 -17.24 -14.03
CA TYR A 252 31.46 -18.35 -14.49
C TYR A 252 32.68 -17.80 -15.22
N GLY A 253 33.65 -17.29 -14.48
CA GLY A 253 34.83 -16.70 -15.08
C GLY A 253 34.54 -15.31 -15.64
N VAL A 254 35.55 -14.70 -16.25
CA VAL A 254 35.41 -13.34 -16.76
C VAL A 254 34.64 -13.26 -18.09
N GLY A 255 34.59 -14.37 -18.82
CA GLY A 255 33.87 -14.42 -20.08
C GLY A 255 32.36 -14.48 -19.89
N ASP A 256 31.97 -14.97 -18.72
CA ASP A 256 30.55 -15.10 -18.37
C ASP A 256 30.06 -13.80 -17.76
N ASP A 257 30.83 -12.73 -17.95
CA ASP A 257 30.45 -11.42 -17.44
C ASP A 257 29.15 -10.96 -18.09
N PHE A 258 29.12 -10.98 -19.41
CA PHE A 258 27.91 -10.63 -20.16
C PHE A 258 26.78 -11.59 -19.79
N GLY A 259 27.13 -12.84 -19.50
CA GLY A 259 26.16 -13.85 -19.10
C GLY A 259 25.52 -13.48 -17.76
N ARG A 260 26.25 -12.74 -16.93
CA ARG A 260 25.70 -12.24 -15.68
C ARG A 260 24.88 -10.98 -15.91
N THR A 261 25.44 -10.06 -16.69
CA THR A 261 24.71 -8.91 -17.16
C THR A 261 23.34 -9.34 -17.67
N GLN A 262 23.29 -10.47 -18.37
CA GLN A 262 22.06 -10.93 -18.98
C GLN A 262 21.19 -11.80 -18.06
N ARG A 263 21.82 -12.60 -17.21
CA ARG A 263 21.07 -13.29 -16.18
C ARG A 263 20.32 -12.27 -15.34
N GLN A 264 21.00 -11.16 -15.01
CA GLN A 264 20.42 -10.12 -14.17
C GLN A 264 19.30 -9.38 -14.90
N ARG A 265 19.50 -9.17 -16.19
CA ARG A 265 18.51 -8.49 -16.99
C ARG A 265 17.26 -9.34 -17.21
N ASP A 266 17.47 -10.61 -17.48
CA ASP A 266 16.33 -11.50 -17.69
C ASP A 266 15.60 -11.69 -16.38
N PHE A 267 16.36 -11.93 -15.31
CA PHE A 267 15.75 -12.09 -14.00
C PHE A 267 14.84 -10.90 -13.70
N MSE A 268 15.33 -9.70 -13.98
CA MSE A 268 14.55 -8.52 -13.68
C MSE A 268 13.27 -8.40 -14.50
O MSE A 268 12.25 -7.92 -14.01
CB MSE A 268 15.39 -7.25 -13.81
CG MSE A 268 16.03 -6.87 -12.47
SE MSE A 268 17.26 -5.38 -12.58
CE MSE A 268 16.07 -3.98 -13.24
N LEU A 269 13.35 -8.82 -15.77
CA LEU A 269 12.18 -8.77 -16.65
C LEU A 269 11.16 -9.78 -16.17
N GLN A 270 11.63 -10.96 -15.80
CA GLN A 270 10.76 -11.96 -15.22
C GLN A 270 9.98 -11.38 -14.06
N VAL A 271 10.71 -10.93 -13.04
CA VAL A 271 10.09 -10.42 -11.83
C VAL A 271 9.00 -9.43 -12.21
N LEU A 272 9.36 -8.50 -13.09
CA LEU A 272 8.45 -7.44 -13.49
C LEU A 272 7.21 -7.98 -14.20
N ASN A 273 7.43 -8.95 -15.08
CA ASN A 273 6.32 -9.59 -15.76
C ASN A 273 5.40 -10.30 -14.75
N LYS A 274 6.01 -11.04 -13.83
CA LYS A 274 5.27 -11.77 -12.81
C LYS A 274 4.51 -10.85 -11.85
N VAL A 275 5.13 -9.74 -11.48
CA VAL A 275 4.44 -8.74 -10.68
C VAL A 275 3.27 -8.22 -11.48
N LYS A 276 3.45 -8.18 -12.80
CA LYS A 276 2.46 -7.59 -13.69
C LYS A 276 1.17 -8.42 -13.72
N GLY A 277 1.33 -9.74 -13.76
CA GLY A 277 0.19 -10.64 -13.75
C GLY A 277 -0.47 -10.74 -12.39
N THR A 278 0.32 -10.58 -11.33
CA THR A 278 -0.15 -10.70 -9.94
C THR A 278 -1.33 -9.79 -9.62
N ARG A 279 -2.44 -10.38 -9.17
CA ARG A 279 -3.67 -9.61 -8.94
C ARG A 279 -4.05 -9.57 -7.46
N ASP A 280 -3.50 -10.50 -6.68
CA ASP A 280 -3.78 -10.57 -5.25
C ASP A 280 -3.26 -9.36 -4.44
N VAL A 281 -4.15 -8.71 -3.72
CA VAL A 281 -3.81 -7.49 -3.00
C VAL A 281 -2.76 -7.71 -1.90
N GLY A 282 -2.94 -8.75 -1.10
CA GLY A 282 -2.02 -9.05 -0.03
C GLY A 282 -0.61 -9.24 -0.55
N THR A 283 -0.50 -9.90 -1.69
CA THR A 283 0.79 -10.16 -2.31
C THR A 283 1.44 -8.83 -2.71
N LEU A 284 0.68 -8.02 -3.44
CA LEU A 284 1.13 -6.67 -3.82
C LEU A 284 1.59 -5.83 -2.62
N LEU A 285 0.71 -5.64 -1.64
CA LEU A 285 1.08 -4.97 -0.39
C LEU A 285 2.42 -5.46 0.15
N THR A 286 2.50 -6.76 0.39
CA THR A 286 3.71 -7.40 0.87
C THR A 286 4.90 -7.11 -0.06
N LEU A 287 4.66 -7.15 -1.37
CA LEU A 287 5.73 -6.86 -2.32
C LEU A 287 6.31 -5.49 -2.03
N LEU A 288 5.44 -4.51 -1.81
CA LEU A 288 5.88 -3.17 -1.43
C LEU A 288 6.71 -3.23 -0.18
N THR A 289 6.24 -4.02 0.77
CA THR A 289 6.91 -4.22 2.03
C THR A 289 8.32 -4.79 1.85
N LYS A 290 8.49 -5.71 0.92
CA LYS A 290 9.80 -6.30 0.67
C LYS A 290 10.76 -5.27 0.05
N ILE A 291 10.19 -4.27 -0.62
CA ILE A 291 10.98 -3.33 -1.42
C ILE A 291 11.55 -2.13 -0.65
N LEU A 292 10.70 -1.49 0.16
CA LEU A 292 11.08 -0.26 0.88
C LEU A 292 12.47 -0.25 1.55
N PRO A 293 12.85 -1.37 2.21
CA PRO A 293 14.18 -1.38 2.85
C PRO A 293 15.33 -1.17 1.85
N GLY A 294 15.13 -1.57 0.59
CA GLY A 294 16.16 -1.44 -0.43
C GLY A 294 15.71 -0.62 -1.62
N VAL A 295 15.25 0.61 -1.34
CA VAL A 295 14.82 1.51 -2.42
C VAL A 295 15.19 2.97 -2.15
N THR A 296 15.77 3.58 -3.18
CA THR A 296 16.03 5.01 -3.22
C THR A 296 15.32 5.54 -4.46
N THR A 297 14.51 6.56 -4.30
CA THR A 297 13.69 7.07 -5.40
C THR A 297 13.29 8.51 -5.13
N ASN A 298 13.11 9.29 -6.20
CA ASN A 298 12.60 10.64 -6.04
C ASN A 298 11.11 10.71 -6.30
N ILE A 299 10.46 9.57 -6.30
CA ILE A 299 9.01 9.54 -6.42
C ILE A 299 8.38 9.83 -5.06
N SER A 300 7.55 10.88 -5.00
CA SER A 300 6.88 11.25 -3.75
C SER A 300 5.86 10.20 -3.32
N VAL A 301 5.67 10.10 -2.01
CA VAL A 301 4.63 9.24 -1.44
C VAL A 301 3.30 9.41 -2.18
N ASN A 302 2.94 10.66 -2.45
CA ASN A 302 1.69 10.92 -3.14
C ASN A 302 1.66 10.34 -4.56
N GLU A 303 2.75 10.54 -5.28
CA GLU A 303 2.91 9.99 -6.63
C GLU A 303 2.89 8.47 -6.57
N MSE A 304 3.46 7.90 -5.52
CA MSE A 304 3.46 6.45 -5.37
C MSE A 304 2.04 5.91 -5.22
O MSE A 304 1.73 4.79 -5.68
CB MSE A 304 4.34 6.02 -4.20
CG MSE A 304 4.63 4.53 -4.16
SE MSE A 304 5.45 3.88 -5.84
CE MSE A 304 4.48 2.19 -6.01
N ALA A 305 1.17 6.69 -4.59
CA ALA A 305 -0.23 6.29 -4.42
C ALA A 305 -0.92 6.29 -5.77
N GLY A 306 -0.84 7.41 -6.48
CA GLY A 306 -1.41 7.52 -7.82
C GLY A 306 -1.01 6.40 -8.75
N LEU A 307 0.25 5.95 -8.64
CA LEU A 307 0.79 4.93 -9.51
C LEU A 307 0.26 3.55 -9.13
N ALA A 308 0.07 3.34 -7.84
CA ALA A 308 -0.52 2.09 -7.36
C ALA A 308 -1.99 2.04 -7.76
N GLY A 309 -2.63 3.21 -7.79
CA GLY A 309 -3.98 3.33 -8.31
C GLY A 309 -3.99 3.02 -9.79
N GLY A 310 -3.16 3.75 -10.54
CA GLY A 310 -3.02 3.53 -11.96
C GLY A 310 -2.74 2.08 -12.31
N ALA A 311 -1.87 1.44 -11.53
CA ALA A 311 -1.49 0.05 -11.78
C ALA A 311 -2.66 -0.90 -11.63
N ILE A 312 -3.46 -0.68 -10.60
CA ILE A 312 -4.60 -1.55 -10.33
C ILE A 312 -5.73 -1.31 -11.33
N SER A 313 -6.07 -0.04 -11.54
CA SER A 313 -7.15 0.30 -12.46
C SER A 313 -6.80 0.05 -13.94
N SER A 314 -5.54 0.31 -14.33
CA SER A 314 -5.17 0.26 -15.75
C SER A 314 -3.86 -0.46 -16.05
N TYR A 315 -2.75 0.16 -15.65
CA TYR A 315 -1.40 -0.21 -16.08
C TYR A 315 -1.12 -1.71 -16.23
N MSE A 316 -1.51 -2.50 -15.23
CA MSE A 316 -1.23 -3.94 -15.24
C MSE A 316 -2.01 -4.74 -16.31
O MSE A 316 -1.74 -5.92 -16.57
CB MSE A 316 -1.40 -4.57 -13.83
CG MSE A 316 -0.11 -4.57 -12.98
SE MSE A 316 -0.35 -5.09 -11.10
CE MSE A 316 -1.49 -3.63 -10.63
N ASP A 317 -2.98 -4.08 -16.94
CA ASP A 317 -3.69 -4.67 -18.07
C ASP A 317 -2.99 -4.40 -19.43
N TYR A 318 -2.29 -3.27 -19.52
CA TYR A 318 -1.46 -2.98 -20.69
C TYR A 318 -0.60 -4.19 -21.02
N PRO A 319 -0.43 -4.50 -22.32
CA PRO A 319 0.58 -5.53 -22.55
C PRO A 319 1.99 -4.91 -22.41
N MSE A 320 2.99 -5.75 -22.19
CA MSE A 320 4.31 -5.27 -21.86
C MSE A 320 5.31 -5.65 -22.93
O MSE A 320 5.38 -6.82 -23.37
CB MSE A 320 4.75 -5.84 -20.52
CG MSE A 320 6.13 -5.38 -20.08
SE MSE A 320 6.53 -5.99 -18.29
CE MSE A 320 5.41 -4.71 -17.40
N TYR A 321 6.09 -4.66 -23.35
CA TYR A 321 7.13 -4.85 -24.35
C TYR A 321 8.51 -4.49 -23.79
N GLN A 322 9.53 -5.19 -24.26
CA GLN A 322 10.91 -4.89 -23.91
C GLN A 322 11.77 -4.60 -25.14
N PHE A 323 12.81 -3.78 -24.94
CA PHE A 323 13.68 -3.33 -26.02
C PHE A 323 15.03 -2.97 -25.40
N ARG A 324 16.11 -3.01 -26.17
CA ARG A 324 17.43 -2.80 -25.60
C ARG A 324 18.36 -1.93 -26.47
N LEU A 325 19.07 -1.00 -25.85
CA LEU A 325 20.08 -0.19 -26.54
C LEU A 325 21.44 -0.51 -25.96
N PRO A 326 22.48 -0.62 -26.82
CA PRO A 326 22.38 -0.57 -28.30
C PRO A 326 21.71 -1.83 -28.87
N GLU A 327 21.13 -1.73 -30.05
CA GLU A 327 20.50 -2.90 -30.68
C GLU A 327 21.53 -3.92 -31.15
N ASP A 328 21.05 -5.12 -31.48
CA ASP A 328 21.94 -6.25 -31.82
C ASP A 328 22.86 -6.03 -33.02
N GLY A 329 22.38 -5.35 -34.04
CA GLY A 329 23.32 -5.09 -35.12
C GLY A 329 24.32 -3.96 -34.89
N ALA A 330 24.04 -3.12 -33.91
CA ALA A 330 24.34 -1.69 -34.06
C ALA A 330 25.58 -1.12 -33.36
N PHE A 331 26.52 -1.98 -32.98
CA PHE A 331 27.65 -1.52 -32.18
C PHE A 331 28.86 -2.44 -32.33
N SER A 332 30.01 -1.97 -31.87
CA SER A 332 31.21 -2.77 -31.86
C SER A 332 31.80 -2.72 -30.47
N ALA A 333 32.56 -3.75 -30.11
CA ALA A 333 33.26 -3.76 -28.85
C ALA A 333 34.70 -3.34 -29.04
N VAL A 334 34.96 -2.04 -28.91
CA VAL A 334 36.29 -1.46 -29.05
C VAL A 334 37.01 -1.20 -27.71
N ASP A 335 38.33 -1.40 -27.70
CA ASP A 335 39.11 -1.12 -26.52
C ASP A 335 39.65 0.30 -26.55
N VAL A 336 39.21 1.11 -25.59
CA VAL A 336 39.67 2.49 -25.49
C VAL A 336 40.32 2.73 -24.13
N ASP A 337 40.62 3.98 -23.83
CA ASP A 337 41.25 4.31 -22.55
C ASP A 337 40.34 4.00 -21.36
N ALA A 338 39.06 4.30 -21.51
CA ALA A 338 38.06 4.02 -20.47
C ALA A 338 37.83 2.52 -20.31
N GLY A 339 38.51 1.72 -21.12
CA GLY A 339 38.39 0.27 -21.07
C GLY A 339 37.71 -0.29 -22.32
N ASN A 340 37.07 -1.45 -22.19
CA ASN A 340 36.36 -2.03 -23.32
C ASN A 340 34.91 -1.52 -23.38
N VAL A 341 34.61 -0.75 -24.43
CA VAL A 341 33.32 -0.10 -24.53
C VAL A 341 32.51 -0.58 -25.73
N LEU A 342 31.26 -0.16 -25.77
CA LEU A 342 30.34 -0.55 -26.83
C LEU A 342 29.96 0.68 -27.66
N ALA A 343 30.67 0.89 -28.75
CA ALA A 343 30.45 2.06 -29.60
C ALA A 343 29.29 1.86 -30.54
N ILE A 344 28.34 2.79 -30.49
CA ILE A 344 27.22 2.79 -31.39
C ILE A 344 27.60 3.55 -32.65
N ASP A 345 27.73 2.82 -33.74
CA ASP A 345 28.08 3.43 -35.02
C ASP A 345 27.10 4.51 -35.48
N ASP A 346 25.80 4.30 -35.25
CA ASP A 346 24.80 5.23 -35.74
C ASP A 346 23.88 5.77 -34.64
N TRP A 347 24.32 6.83 -33.95
CA TRP A 347 23.57 7.45 -32.86
C TRP A 347 22.24 8.06 -33.26
N ASP A 348 22.18 8.64 -34.46
CA ASP A 348 20.94 9.23 -34.92
C ASP A 348 19.86 8.16 -35.00
N ALA A 349 20.28 6.94 -35.30
CA ALA A 349 19.37 5.82 -35.52
C ALA A 349 18.95 5.19 -34.19
N ALA A 350 19.93 5.02 -33.29
CA ALA A 350 19.68 4.64 -31.90
C ALA A 350 18.59 5.51 -31.28
N ARG A 351 18.66 6.82 -31.52
CA ARG A 351 17.67 7.73 -30.98
C ARG A 351 16.33 7.58 -31.67
N GLU A 352 16.35 7.47 -33.00
CA GLU A 352 15.12 7.31 -33.75
C GLU A 352 14.39 6.05 -33.27
N HIS A 353 15.15 4.99 -33.13
CA HIS A 353 14.53 3.72 -32.78
C HIS A 353 13.95 3.77 -31.36
N LEU A 354 14.72 4.30 -30.41
CA LEU A 354 14.25 4.42 -29.03
C LEU A 354 12.99 5.29 -28.94
N GLN A 355 13.06 6.47 -29.54
CA GLN A 355 11.96 7.42 -29.52
C GLN A 355 10.71 6.92 -30.25
N ARG A 356 10.90 6.07 -31.27
CA ARG A 356 9.80 5.41 -31.96
C ARG A 356 9.17 4.33 -31.09
N PHE A 357 10.01 3.45 -30.55
CA PHE A 357 9.57 2.41 -29.61
C PHE A 357 8.68 2.93 -28.49
N ILE A 358 9.01 4.08 -27.91
CA ILE A 358 8.27 4.63 -26.77
C ILE A 358 7.11 5.52 -27.20
N TYR A 359 7.40 6.47 -28.10
CA TYR A 359 6.42 7.47 -28.47
C TYR A 359 5.69 7.16 -29.78
N GLU A 360 6.22 6.17 -30.50
CA GLU A 360 5.59 5.70 -31.72
C GLU A 360 5.24 6.85 -32.67
N ASP A 361 3.98 6.93 -33.07
CA ASP A 361 3.55 7.87 -34.12
C ASP A 361 3.73 9.34 -33.76
N THR A 362 3.91 9.62 -32.46
CA THR A 362 4.09 10.98 -31.96
C THR A 362 5.34 11.67 -32.54
N VAL A 363 6.34 10.86 -32.88
CA VAL A 363 7.54 11.42 -33.50
C VAL A 363 7.56 11.32 -35.03
N ASP A 364 6.39 11.15 -35.64
CA ASP A 364 6.24 11.21 -37.09
C ASP A 364 6.70 12.55 -37.67
N PRO A 365 6.42 13.66 -36.95
CA PRO A 365 6.94 14.96 -37.42
C PRO A 365 8.48 15.06 -37.44
N ILE A 366 9.19 14.33 -36.59
CA ILE A 366 10.65 14.40 -36.61
C ILE A 366 11.29 13.51 -37.68
N TYR A 367 10.84 12.26 -37.76
CA TYR A 367 11.49 11.26 -38.62
C TYR A 367 10.61 10.79 -39.75
N GLY A 368 9.39 11.32 -39.83
CA GLY A 368 8.44 10.88 -40.84
C GLY A 368 7.82 9.55 -40.44
N PRO A 369 6.64 9.24 -40.98
CA PRO A 369 5.98 7.98 -40.64
C PRO A 369 6.84 6.77 -41.01
N SER A 370 6.83 5.73 -40.17
CA SER A 370 7.60 4.51 -40.44
C SER A 370 6.73 3.27 -40.32
N THR A 371 7.17 2.20 -40.96
CA THR A 371 6.46 0.94 -40.95
C THR A 371 7.15 -0.01 -39.98
N GLU A 372 8.27 0.45 -39.43
CA GLU A 372 9.04 -0.39 -38.53
C GLU A 372 8.47 -0.45 -37.11
N THR A 373 8.62 -1.62 -36.49
CA THR A 373 8.24 -1.78 -35.10
C THR A 373 9.50 -2.25 -34.37
N TYR A 374 9.67 -1.79 -33.14
CA TYR A 374 10.86 -2.13 -32.37
C TYR A 374 10.43 -2.73 -31.08
N GLY A 375 11.24 -3.65 -30.56
CA GLY A 375 10.97 -4.31 -29.30
C GLY A 375 10.20 -5.60 -29.50
N SER A 376 9.95 -6.31 -28.41
CA SER A 376 9.19 -7.55 -28.47
C SER A 376 8.25 -7.63 -27.28
N GLU A 377 6.98 -7.91 -27.57
CA GLU A 377 6.01 -8.17 -26.52
C GLU A 377 6.55 -9.27 -25.62
N MSE A 378 6.34 -9.12 -24.32
CA MSE A 378 6.64 -10.20 -23.41
C MSE A 378 5.38 -11.00 -23.19
O MSE A 378 4.30 -10.41 -23.12
CB MSE A 378 7.16 -9.65 -22.10
CG MSE A 378 8.33 -8.75 -22.34
SE MSE A 378 8.99 -8.01 -20.71
CE MSE A 378 9.33 -9.73 -19.81
N THR B 101 -31.82 16.49 2.00
CA THR B 101 -32.28 15.48 2.96
C THR B 101 -31.19 15.08 3.95
N LEU B 102 -30.28 14.21 3.54
CA LEU B 102 -29.09 13.88 4.31
C LEU B 102 -28.07 15.00 4.16
N ILE B 103 -27.22 15.18 5.17
CA ILE B 103 -26.15 16.19 5.11
C ILE B 103 -24.81 15.65 4.57
N LYS B 104 -24.24 16.37 3.60
CA LYS B 104 -23.05 15.92 2.88
C LYS B 104 -22.07 17.05 2.52
N ASP B 105 -20.77 16.73 2.50
CA ASP B 105 -19.72 17.70 2.20
C ASP B 105 -18.58 16.92 1.56
N PRO B 106 -18.28 17.22 0.27
CA PRO B 106 -17.23 16.51 -0.47
C PRO B 106 -15.89 16.61 0.28
N MSE B 107 -15.76 17.64 1.12
CA MSE B 107 -14.57 17.77 1.94
C MSE B 107 -14.58 16.88 3.20
O MSE B 107 -13.54 16.70 3.84
CB MSE B 107 -14.32 19.22 2.34
CG MSE B 107 -14.10 20.18 1.15
SE MSE B 107 -13.14 21.78 1.68
CE MSE B 107 -11.35 21.01 1.61
N VAL B 108 -15.75 16.33 3.54
CA VAL B 108 -15.90 15.41 4.67
C VAL B 108 -16.23 13.96 4.23
N LEU B 109 -15.26 13.06 4.35
CA LEU B 109 -15.46 11.68 3.92
C LEU B 109 -15.93 10.84 5.13
N ASN B 110 -17.16 10.33 5.06
CA ASN B 110 -17.72 9.43 6.09
C ASN B 110 -17.59 7.95 5.78
N ILE B 111 -16.63 7.31 6.42
CA ILE B 111 -16.44 5.87 6.39
C ILE B 111 -16.98 5.28 7.70
N MSE B 112 -18.07 4.52 7.63
CA MSE B 112 -18.55 3.83 8.81
C MSE B 112 -17.64 2.65 9.13
O MSE B 112 -17.33 1.84 8.27
CB MSE B 112 -19.97 3.33 8.63
CG MSE B 112 -20.51 2.62 9.88
SE MSE B 112 -20.66 3.77 11.48
CE MSE B 112 -22.05 4.93 10.84
N LEU B 113 -17.21 2.55 10.37
CA LEU B 113 -16.41 1.41 10.79
C LEU B 113 -17.28 0.54 11.69
N PHE B 114 -17.25 -0.77 11.44
CA PHE B 114 -17.91 -1.74 12.31
C PHE B 114 -16.83 -2.61 12.89
N GLY B 115 -16.98 -2.97 14.16
CA GLY B 115 -16.10 -3.93 14.79
C GLY B 115 -17.01 -5.09 15.12
N SER B 116 -16.58 -6.28 14.79
CA SER B 116 -17.44 -7.42 14.91
C SER B 116 -16.59 -8.61 15.26
N ASP B 117 -17.09 -9.39 16.21
CA ASP B 117 -16.45 -10.63 16.61
C ASP B 117 -17.30 -11.82 16.14
N GLU B 118 -18.11 -11.62 15.09
CA GLU B 118 -18.94 -12.70 14.53
C GLU B 118 -19.12 -12.58 13.03
N ARG B 119 -18.38 -13.40 12.29
CA ARG B 119 -18.40 -13.36 10.84
C ARG B 119 -19.71 -13.95 10.31
N PRO B 120 -20.13 -13.54 9.10
CA PRO B 120 -21.37 -14.04 8.51
C PRO B 120 -21.38 -15.56 8.38
N GLY B 121 -22.33 -16.06 7.58
CA GLY B 121 -22.44 -17.48 7.34
C GLY B 121 -23.33 -17.69 6.13
N GLU B 122 -23.87 -18.91 6.01
CA GLU B 122 -24.78 -19.24 4.92
C GLU B 122 -25.88 -18.21 4.84
N THR B 123 -26.65 -18.12 5.92
CA THR B 123 -27.67 -17.11 6.03
C THR B 123 -27.29 -16.22 7.19
N GLY B 124 -27.16 -14.92 6.93
CA GLY B 124 -26.85 -14.00 7.99
C GLY B 124 -25.63 -13.14 7.75
N TYR B 125 -25.60 -12.01 8.46
CA TYR B 125 -24.51 -11.06 8.32
C TYR B 125 -23.66 -11.06 9.58
N GLY B 126 -23.81 -12.11 10.38
CA GLY B 126 -23.14 -12.17 11.67
C GLY B 126 -23.69 -11.07 12.53
N ARG B 127 -22.85 -10.54 13.41
CA ARG B 127 -23.30 -9.50 14.31
C ARG B 127 -22.19 -8.51 14.58
N SER B 128 -22.58 -7.30 14.92
CA SER B 128 -21.61 -6.26 15.24
C SER B 128 -22.11 -5.37 16.38
N ASP B 129 -21.41 -5.41 17.50
CA ASP B 129 -21.72 -4.53 18.63
C ASP B 129 -21.12 -3.10 18.51
N THR B 130 -20.00 -2.96 17.81
CA THR B 130 -19.33 -1.65 17.75
C THR B 130 -19.52 -0.93 16.41
N MSE B 131 -20.06 0.28 16.47
CA MSE B 131 -20.21 1.13 15.29
C MSE B 131 -19.61 2.51 15.53
O MSE B 131 -20.03 3.25 16.42
CB MSE B 131 -21.67 1.28 14.89
CG MSE B 131 -22.24 0.00 14.36
SE MSE B 131 -24.19 0.05 14.30
CE MSE B 131 -24.41 1.64 13.24
N MSE B 132 -18.66 2.84 14.69
CA MSE B 132 -17.85 4.02 14.87
C MSE B 132 -17.68 4.67 13.51
O MSE B 132 -17.01 4.13 12.64
CB MSE B 132 -16.50 3.57 15.40
CG MSE B 132 -15.70 4.68 15.99
SE MSE B 132 -14.05 3.93 16.59
CE MSE B 132 -14.66 3.05 18.24
N LEU B 133 -18.34 5.81 13.33
CA LEU B 133 -18.20 6.60 12.13
C LEU B 133 -16.86 7.35 12.14
N LEU B 134 -16.10 7.21 11.06
CA LEU B 134 -14.85 7.95 10.89
C LEU B 134 -15.12 9.05 9.88
N SER B 135 -15.03 10.29 10.33
CA SER B 135 -15.18 11.42 9.42
C SER B 135 -13.80 12.04 9.17
N ILE B 136 -13.28 11.90 7.95
CA ILE B 136 -12.09 12.66 7.55
C ILE B 136 -12.55 14.06 7.17
N ASP B 137 -12.42 15.00 8.10
CA ASP B 137 -12.86 16.37 7.86
C ASP B 137 -11.75 17.20 7.21
N ASN B 138 -11.66 17.13 5.90
CA ASN B 138 -10.64 17.89 5.16
C ASN B 138 -10.91 19.37 5.18
N ARG B 139 -12.17 19.75 5.39
CA ARG B 139 -12.50 21.15 5.54
C ARG B 139 -11.85 21.76 6.77
N ASN B 140 -12.04 21.17 7.95
CA ASN B 140 -11.41 21.76 9.12
C ASN B 140 -10.10 21.08 9.56
N LYS B 141 -9.66 20.08 8.81
CA LYS B 141 -8.37 19.43 9.06
C LYS B 141 -8.41 18.62 10.34
N LYS B 142 -9.42 17.77 10.48
CA LYS B 142 -9.64 16.97 11.68
C LYS B 142 -10.05 15.54 11.34
N LEU B 143 -9.63 14.61 12.19
CA LEU B 143 -10.20 13.27 12.17
C LEU B 143 -11.17 13.13 13.33
N LYS B 144 -12.42 12.84 12.99
CA LYS B 144 -13.48 12.68 13.96
C LYS B 144 -14.08 11.27 13.99
N LEU B 145 -14.13 10.69 15.20
CA LEU B 145 -14.72 9.39 15.43
C LEU B 145 -16.01 9.50 16.26
N THR B 146 -17.11 9.05 15.68
CA THR B 146 -18.40 9.16 16.34
C THR B 146 -18.95 7.75 16.57
N SER B 147 -19.02 7.37 17.84
CA SER B 147 -19.49 6.06 18.23
C SER B 147 -20.99 6.11 18.43
N PHE B 148 -21.68 5.09 17.91
CA PHE B 148 -23.10 4.91 18.16
C PHE B 148 -23.36 3.71 19.07
N MSE B 149 -24.15 3.94 20.11
CA MSE B 149 -24.32 2.91 21.13
C MSE B 149 -25.16 1.77 20.62
O MSE B 149 -26.21 1.99 20.01
CB MSE B 149 -24.94 3.50 22.38
CG MSE B 149 -24.10 4.59 23.02
SE MSE B 149 -24.57 4.80 24.89
CE MSE B 149 -23.41 3.40 25.59
N ARG B 150 -24.68 0.56 20.88
CA ARG B 150 -25.25 -0.68 20.39
C ARG B 150 -26.78 -0.75 20.58
N ASP B 151 -27.26 -0.34 21.76
CA ASP B 151 -28.66 -0.50 22.15
C ASP B 151 -29.52 0.74 21.92
N THR B 152 -28.99 1.73 21.24
CA THR B 152 -29.79 2.91 20.93
C THR B 152 -31.10 2.57 20.23
N TYR B 153 -32.18 3.14 20.74
CA TYR B 153 -33.50 2.93 20.18
C TYR B 153 -33.69 3.75 18.92
N VAL B 154 -33.76 3.08 17.77
CA VAL B 154 -33.80 3.79 16.48
C VAL B 154 -34.86 3.21 15.58
N ASN B 155 -35.28 4.00 14.59
CA ASN B 155 -36.14 3.48 13.55
C ASN B 155 -35.38 2.76 12.42
N VAL B 156 -35.44 1.43 12.42
CA VAL B 156 -34.83 0.65 11.36
C VAL B 156 -35.75 0.56 10.15
N PRO B 157 -35.26 1.02 8.98
CA PRO B 157 -36.00 1.19 7.73
C PRO B 157 -37.21 0.27 7.50
N GLU B 158 -37.06 -1.04 7.49
CA GLU B 158 -38.30 -1.83 7.32
C GLU B 158 -38.80 -2.59 8.56
N TRP B 159 -38.34 -2.18 9.74
CA TRP B 159 -38.59 -2.97 10.93
C TRP B 159 -39.08 -2.14 12.11
N GLY B 160 -39.54 -0.91 11.86
CA GLY B 160 -39.98 -0.05 12.95
C GLY B 160 -38.87 0.23 13.96
N ASP B 161 -39.24 0.72 15.15
CA ASP B 161 -38.28 1.04 16.21
C ASP B 161 -37.65 -0.20 16.84
N THR B 162 -36.33 -0.22 16.97
CA THR B 162 -35.67 -1.34 17.65
C THR B 162 -34.27 -0.92 18.06
N LYS B 163 -33.48 -1.85 18.60
CA LYS B 163 -32.07 -1.59 18.85
C LYS B 163 -31.30 -1.36 17.54
N LEU B 164 -30.43 -0.36 17.55
CA LEU B 164 -29.60 -0.06 16.41
C LEU B 164 -28.84 -1.29 15.94
N THR B 165 -28.34 -2.11 16.88
CA THR B 165 -27.52 -3.24 16.50
C THR B 165 -28.31 -4.31 15.71
N HIS B 166 -29.63 -4.37 15.90
CA HIS B 166 -30.46 -5.33 15.16
C HIS B 166 -30.47 -5.03 13.66
N ALA B 167 -30.27 -3.76 13.29
CA ALA B 167 -30.20 -3.39 11.87
C ALA B 167 -29.12 -4.18 11.15
N TYR B 168 -28.01 -4.41 11.85
CA TYR B 168 -26.91 -5.17 11.29
C TYR B 168 -27.20 -6.66 11.22
N SER B 169 -27.77 -7.21 12.30
CA SER B 169 -28.18 -8.61 12.31
C SER B 169 -29.14 -8.90 11.16
N TYR B 170 -30.16 -8.06 11.05
CA TYR B 170 -31.22 -8.18 10.04
C TYR B 170 -30.76 -7.96 8.59
N GLY B 171 -29.86 -7.01 8.36
CA GLY B 171 -29.56 -6.57 7.00
C GLY B 171 -28.12 -6.21 6.65
N GLY B 172 -27.20 -6.53 7.55
CA GLY B 172 -25.81 -6.23 7.37
C GLY B 172 -25.50 -4.75 7.44
N PRO B 173 -24.24 -4.40 7.12
CA PRO B 173 -23.70 -3.04 7.07
C PRO B 173 -24.65 -2.09 6.34
N ALA B 174 -25.22 -2.55 5.23
CA ALA B 174 -26.05 -1.69 4.40
C ALA B 174 -27.27 -1.15 5.13
N LEU B 175 -27.85 -1.98 5.99
CA LEU B 175 -29.07 -1.60 6.68
C LEU B 175 -28.73 -0.80 7.93
N ALA B 176 -27.64 -1.19 8.59
CA ALA B 176 -27.14 -0.43 9.71
C ALA B 176 -26.82 1.01 9.25
N ILE B 177 -26.20 1.12 8.09
CA ILE B 177 -25.87 2.41 7.49
C ILE B 177 -27.11 3.23 7.15
N GLU B 178 -28.07 2.61 6.49
CA GLU B 178 -29.30 3.32 6.14
C GLU B 178 -30.02 3.80 7.41
N THR B 179 -29.90 3.00 8.47
CA THR B 179 -30.52 3.32 9.74
C THR B 179 -29.86 4.55 10.35
N ILE B 180 -28.53 4.56 10.36
CA ILE B 180 -27.80 5.73 10.85
C ILE B 180 -28.22 6.97 10.09
N GLU B 181 -28.34 6.85 8.77
CA GLU B 181 -28.69 8.00 7.93
C GLU B 181 -30.11 8.50 8.16
N ARG B 182 -31.07 7.57 8.26
CA ARG B 182 -32.46 7.97 8.52
C ARG B 182 -32.59 8.65 9.88
N ASN B 183 -31.90 8.09 10.87
CA ASN B 183 -32.10 8.53 12.23
C ASN B 183 -31.27 9.72 12.65
N PHE B 184 -30.16 9.96 11.95
CA PHE B 184 -29.22 11.00 12.35
C PHE B 184 -29.04 12.11 11.35
N GLY B 185 -29.35 11.84 10.08
CA GLY B 185 -29.42 12.87 9.06
C GLY B 185 -28.14 13.20 8.31
N ILE B 186 -27.16 12.32 8.34
CA ILE B 186 -25.91 12.55 7.61
C ILE B 186 -25.63 11.42 6.64
N ASP B 187 -24.89 11.73 5.58
CA ASP B 187 -24.64 10.76 4.53
C ASP B 187 -23.35 10.01 4.81
N ILE B 188 -23.43 8.68 4.77
CA ILE B 188 -22.24 7.84 4.83
C ILE B 188 -21.79 7.52 3.40
N ASP B 189 -20.49 7.58 3.15
CA ASP B 189 -19.98 7.29 1.81
C ASP B 189 -19.62 5.81 1.62
N ARG B 190 -18.94 5.25 2.61
CA ARG B 190 -18.41 3.89 2.55
C ARG B 190 -18.40 3.30 3.96
N TYR B 191 -17.96 2.05 4.06
CA TYR B 191 -17.89 1.37 5.35
C TYR B 191 -16.84 0.27 5.24
N ALA B 192 -16.42 -0.25 6.38
CA ALA B 192 -15.51 -1.37 6.43
C ALA B 192 -15.81 -2.11 7.72
N VAL B 193 -15.74 -3.43 7.67
CA VAL B 193 -15.96 -4.24 8.86
C VAL B 193 -14.65 -4.88 9.23
N VAL B 194 -14.29 -4.79 10.50
CA VAL B 194 -13.07 -5.38 10.99
C VAL B 194 -13.42 -6.41 12.05
N TYR B 195 -13.06 -7.67 11.80
CA TYR B 195 -13.36 -8.72 12.76
C TYR B 195 -12.28 -8.79 13.81
N PHE B 196 -12.68 -9.17 15.02
CA PHE B 196 -11.79 -9.15 16.17
C PHE B 196 -10.64 -10.11 15.94
N ASP B 197 -10.81 -11.06 15.02
CA ASP B 197 -9.79 -12.08 14.79
C ASP B 197 -8.62 -11.52 14.00
N THR B 198 -8.69 -10.24 13.66
CA THR B 198 -7.61 -9.59 12.94
C THR B 198 -6.74 -8.80 13.91
N PHE B 199 -7.27 -8.57 15.11
CA PHE B 199 -6.59 -7.73 16.09
C PHE B 199 -5.20 -8.23 16.48
N PRO B 200 -5.02 -9.55 16.59
CA PRO B 200 -3.69 -9.99 17.02
C PRO B 200 -2.61 -9.51 16.04
N GLY B 201 -2.90 -9.61 14.75
CA GLY B 201 -1.99 -9.12 13.74
C GLY B 201 -1.70 -7.65 13.91
N ILE B 202 -2.78 -6.86 14.01
CA ILE B 202 -2.68 -5.42 14.15
C ILE B 202 -1.90 -5.01 15.38
N VAL B 203 -2.17 -5.69 16.49
CA VAL B 203 -1.57 -5.36 17.77
C VAL B 203 -0.06 -5.61 17.76
N ASP B 204 0.32 -6.81 17.35
CA ASP B 204 1.74 -7.18 17.32
C ASP B 204 2.46 -6.29 16.34
N THR B 205 1.84 -6.01 15.20
CA THR B 205 2.44 -5.11 14.22
C THR B 205 2.60 -3.70 14.78
N LEU B 206 1.74 -3.31 15.72
CA LEU B 206 1.87 -1.99 16.33
C LEU B 206 2.81 -1.99 17.55
N GLY B 207 3.48 -3.12 17.78
CA GLY B 207 4.38 -3.23 18.91
C GLY B 207 3.65 -2.95 20.21
N GLY B 208 2.43 -3.47 20.32
CA GLY B 208 1.68 -3.42 21.56
C GLY B 208 0.60 -2.35 21.66
N ILE B 209 -0.31 -2.52 22.60
CA ILE B 209 -1.39 -1.58 22.81
C ILE B 209 -1.58 -1.36 24.31
N GLU B 210 -1.66 -0.11 24.75
CA GLU B 210 -1.76 0.17 26.18
C GLU B 210 -3.18 0.58 26.63
N VAL B 211 -3.73 -0.19 27.57
CA VAL B 211 -5.05 0.10 28.13
C VAL B 211 -4.96 0.19 29.65
N GLU B 212 -5.93 0.86 30.27
CA GLU B 212 -5.96 0.93 31.72
C GLU B 212 -6.99 -0.01 32.31
N MSE B 213 -6.59 -0.74 33.33
CA MSE B 213 -7.50 -1.66 33.99
C MSE B 213 -7.45 -1.55 35.51
O MSE B 213 -6.39 -1.35 36.11
CB MSE B 213 -7.24 -3.09 33.52
CG MSE B 213 -5.77 -3.41 33.28
SE MSE B 213 -5.58 -5.20 32.55
CE MSE B 213 -5.89 -4.81 30.68
N THR B 214 -8.61 -1.67 36.13
CA THR B 214 -8.70 -1.69 37.59
C THR B 214 -8.14 -3.01 38.12
N GLN B 215 -7.84 -3.03 39.41
CA GLN B 215 -7.25 -4.20 40.06
C GLN B 215 -8.08 -5.46 39.89
N THR B 216 -9.40 -5.29 39.87
CA THR B 216 -10.31 -6.41 39.61
C THR B 216 -10.15 -6.90 38.17
N GLU B 217 -10.05 -5.96 37.22
CA GLU B 217 -9.85 -6.30 35.81
C GLU B 217 -8.57 -7.11 35.63
N ALA B 218 -7.52 -6.67 36.33
CA ALA B 218 -6.22 -7.32 36.25
C ALA B 218 -6.31 -8.78 36.63
N ASP B 219 -6.90 -9.04 37.80
CA ASP B 219 -7.03 -10.39 38.34
C ASP B 219 -7.70 -11.35 37.36
N VAL B 220 -8.82 -10.92 36.78
CA VAL B 220 -9.57 -11.78 35.87
C VAL B 220 -8.79 -12.11 34.58
N MSE B 221 -8.02 -11.15 34.08
CA MSE B 221 -7.12 -11.41 32.96
C MSE B 221 -6.05 -12.41 33.38
O MSE B 221 -5.75 -13.37 32.66
CB MSE B 221 -6.44 -10.12 32.49
CG MSE B 221 -7.38 -9.07 31.91
SE MSE B 221 -8.11 -9.49 30.14
CE MSE B 221 -6.57 -10.37 29.35
N ASN B 222 -5.48 -12.18 34.57
CA ASN B 222 -4.39 -12.99 35.09
C ASN B 222 -4.85 -14.39 35.46
N GLU B 223 -6.14 -14.63 35.33
CA GLU B 223 -6.70 -15.92 35.69
C GLU B 223 -7.62 -16.42 34.58
N SER B 224 -7.44 -15.85 33.39
CA SER B 224 -8.32 -16.20 32.27
C SER B 224 -7.61 -16.02 30.94
N VAL B 225 -6.29 -16.07 30.99
CA VAL B 225 -5.47 -16.22 29.79
C VAL B 225 -4.35 -17.22 30.03
N GLY B 226 -3.42 -16.84 30.90
CA GLY B 226 -2.20 -17.60 31.07
C GLY B 226 -1.56 -17.78 29.71
N PRO B 227 -0.68 -18.78 29.57
CA PRO B 227 -0.28 -19.59 30.73
C PRO B 227 0.67 -18.78 31.61
N GLU B 228 1.59 -18.09 30.97
CA GLU B 228 2.58 -17.25 31.66
C GLU B 228 2.05 -15.84 31.84
N PHE B 229 1.52 -15.27 30.76
CA PHE B 229 0.95 -13.93 30.81
C PHE B 229 -0.06 -13.84 31.94
N ALA B 230 0.34 -13.12 32.98
CA ALA B 230 -0.47 -12.90 34.16
C ALA B 230 0.19 -11.74 34.87
N ASN B 231 0.83 -10.89 34.07
CA ASN B 231 1.59 -9.76 34.57
C ASN B 231 0.68 -8.58 34.80
N PHE B 232 -0.58 -8.75 34.40
CA PHE B 232 -1.58 -7.70 34.55
C PHE B 232 -1.70 -7.21 35.99
N THR B 233 -1.91 -5.90 36.12
CA THR B 233 -2.01 -5.25 37.41
C THR B 233 -3.08 -4.18 37.30
N GLU B 234 -3.16 -3.29 38.29
CA GLU B 234 -4.04 -2.13 38.17
C GLU B 234 -3.26 -0.99 37.49
N GLY B 235 -3.98 -0.09 36.82
CA GLY B 235 -3.34 1.01 36.11
C GLY B 235 -2.97 0.69 34.67
N LYS B 236 -1.89 1.29 34.21
CA LYS B 236 -1.46 1.17 32.82
C LYS B 236 -0.88 -0.20 32.47
N ASN B 237 -1.59 -0.91 31.59
CA ASN B 237 -1.17 -2.22 31.07
C ASN B 237 -0.98 -2.28 29.55
N THR B 238 -0.08 -3.15 29.10
CA THR B 238 0.16 -3.30 27.66
C THR B 238 -0.26 -4.68 27.16
N LEU B 239 -1.09 -4.69 26.11
CA LEU B 239 -1.58 -5.91 25.51
C LEU B 239 -0.72 -6.33 24.32
N ASN B 240 -0.45 -7.62 24.23
CA ASN B 240 0.21 -8.21 23.07
C ASN B 240 -0.87 -8.77 22.14
N GLY B 241 -0.45 -9.49 21.11
CA GLY B 241 -1.38 -10.03 20.14
C GLY B 241 -2.53 -10.81 20.74
N ALA B 242 -2.20 -11.89 21.45
CA ALA B 242 -3.19 -12.82 21.96
C ALA B 242 -3.99 -12.30 23.16
N THR B 243 -3.35 -11.52 24.03
CA THR B 243 -4.06 -11.03 25.21
C THR B 243 -5.03 -9.91 24.87
N ALA B 244 -4.77 -9.24 23.76
CA ALA B 244 -5.65 -8.19 23.26
C ALA B 244 -6.96 -8.81 22.87
N LEU B 245 -6.87 -9.96 22.20
CA LEU B 245 -8.06 -10.67 21.76
C LEU B 245 -8.91 -11.08 22.95
N VAL B 246 -8.26 -11.51 24.02
CA VAL B 246 -8.99 -11.92 25.21
C VAL B 246 -9.63 -10.72 25.88
N TYR B 247 -8.90 -9.60 25.86
CA TYR B 247 -9.34 -8.39 26.53
C TYR B 247 -10.68 -7.93 25.97
N VAL B 248 -10.80 -7.96 24.64
CA VAL B 248 -12.00 -7.47 23.96
C VAL B 248 -13.17 -8.46 24.00
N ARG B 249 -12.90 -9.68 24.46
CA ARG B 249 -13.93 -10.70 24.60
C ARG B 249 -14.33 -11.00 26.06
N ILE B 250 -13.50 -10.57 27.00
CA ILE B 250 -13.72 -10.85 28.42
C ILE B 250 -14.98 -10.15 28.91
N ARG B 251 -15.72 -10.81 29.82
CA ARG B 251 -16.84 -10.14 30.51
C ARG B 251 -17.08 -10.66 31.93
N TYR B 252 -17.23 -9.73 32.86
CA TYR B 252 -17.57 -10.03 34.25
C TYR B 252 -19.08 -10.07 34.43
N GLY B 253 -19.65 -11.24 34.68
CA GLY B 253 -21.08 -11.32 34.90
C GLY B 253 -21.88 -10.79 33.72
N VAL B 254 -23.08 -10.32 33.97
CA VAL B 254 -23.96 -9.91 32.89
C VAL B 254 -24.30 -8.43 32.95
N GLY B 255 -24.12 -7.83 34.12
CA GLY B 255 -24.32 -6.41 34.27
C GLY B 255 -23.14 -5.65 33.68
N ASP B 256 -22.13 -6.42 33.25
CA ASP B 256 -20.90 -5.88 32.68
C ASP B 256 -20.93 -5.86 31.15
N ASP B 257 -22.12 -6.04 30.60
CA ASP B 257 -22.33 -5.98 29.15
C ASP B 257 -21.80 -4.65 28.59
N PHE B 258 -22.39 -3.56 29.07
CA PHE B 258 -21.95 -2.22 28.70
C PHE B 258 -20.45 -1.99 28.97
N GLY B 259 -19.97 -2.52 30.09
CA GLY B 259 -18.57 -2.41 30.45
C GLY B 259 -17.65 -3.01 29.42
N ARG B 260 -18.07 -4.13 28.82
CA ARG B 260 -17.29 -4.75 27.74
C ARG B 260 -17.48 -4.00 26.43
N THR B 261 -18.73 -3.63 26.14
CA THR B 261 -19.02 -2.78 25.02
C THR B 261 -18.06 -1.59 25.03
N GLN B 262 -17.56 -1.24 26.22
CA GLN B 262 -16.77 -0.04 26.38
C GLN B 262 -15.27 -0.30 26.39
N ARG B 263 -14.85 -1.48 26.82
CA ARG B 263 -13.46 -1.90 26.64
C ARG B 263 -13.16 -2.10 25.16
N GLN B 264 -14.17 -2.50 24.40
CA GLN B 264 -14.05 -2.72 22.96
C GLN B 264 -13.96 -1.39 22.24
N ARG B 265 -14.76 -0.43 22.69
CA ARG B 265 -14.77 0.88 22.09
C ARG B 265 -13.47 1.65 22.37
N ASP B 266 -12.99 1.56 23.61
CA ASP B 266 -11.77 2.27 23.99
C ASP B 266 -10.54 1.59 23.38
N PHE B 267 -10.60 0.27 23.26
CA PHE B 267 -9.54 -0.45 22.56
C PHE B 267 -9.42 -0.02 21.09
N MSE B 268 -10.53 0.05 20.36
CA MSE B 268 -10.49 0.49 18.98
C MSE B 268 -9.99 1.92 18.89
O MSE B 268 -9.21 2.26 18.00
CB MSE B 268 -11.84 0.33 18.28
CG MSE B 268 -12.20 -1.12 18.01
SE MSE B 268 -13.93 -1.37 17.19
CE MSE B 268 -13.59 -0.55 15.43
N LEU B 269 -10.44 2.75 19.83
CA LEU B 269 -9.96 4.13 19.89
C LEU B 269 -8.44 4.15 20.09
N GLN B 270 -7.94 3.31 20.99
CA GLN B 270 -6.49 3.24 21.22
C GLN B 270 -5.73 2.82 19.96
N VAL B 271 -6.33 1.92 19.19
CA VAL B 271 -5.69 1.37 18.00
C VAL B 271 -5.65 2.44 16.91
N LEU B 272 -6.78 3.07 16.63
CA LEU B 272 -6.82 4.11 15.61
C LEU B 272 -5.82 5.21 15.97
N ASN B 273 -5.85 5.66 17.22
CA ASN B 273 -4.95 6.70 17.70
C ASN B 273 -3.47 6.29 17.59
N LYS B 274 -3.18 5.01 17.87
CA LYS B 274 -1.82 4.50 17.75
C LYS B 274 -1.37 4.35 16.30
N VAL B 275 -2.29 3.96 15.42
CA VAL B 275 -2.01 3.90 13.98
C VAL B 275 -1.69 5.30 13.45
N LYS B 276 -2.47 6.29 13.88
CA LYS B 276 -2.32 7.68 13.45
C LYS B 276 -0.96 8.28 13.87
N GLY B 277 -0.43 7.82 14.99
CA GLY B 277 0.87 8.27 15.44
C GLY B 277 2.02 7.47 14.87
N THR B 278 1.70 6.47 14.03
CA THR B 278 2.70 5.62 13.38
C THR B 278 3.14 6.21 12.03
N ARG B 279 4.43 6.52 11.92
CA ARG B 279 4.94 7.22 10.74
C ARG B 279 5.69 6.29 9.78
N ASP B 280 6.17 5.16 10.29
CA ASP B 280 6.95 4.22 9.47
C ASP B 280 6.13 3.55 8.35
N VAL B 281 6.44 3.88 7.10
CA VAL B 281 5.65 3.41 5.96
C VAL B 281 5.57 1.88 5.85
N GLY B 282 6.67 1.19 6.06
CA GLY B 282 6.70 -0.27 5.96
C GLY B 282 5.83 -0.91 7.02
N THR B 283 5.62 -0.17 8.10
CA THR B 283 4.81 -0.65 9.20
C THR B 283 3.34 -0.46 8.87
N LEU B 284 2.98 0.72 8.38
CA LEU B 284 1.62 0.97 7.94
C LEU B 284 1.19 -0.01 6.83
N LEU B 285 2.08 -0.26 5.87
CA LEU B 285 1.78 -1.19 4.78
C LEU B 285 1.48 -2.56 5.34
N THR B 286 2.31 -2.98 6.29
CA THR B 286 2.12 -4.27 6.96
C THR B 286 0.79 -4.32 7.69
N LEU B 287 0.40 -3.22 8.33
CA LEU B 287 -0.90 -3.13 8.98
C LEU B 287 -2.00 -3.47 8.01
N LEU B 288 -2.00 -2.81 6.86
CA LEU B 288 -3.02 -3.05 5.85
C LEU B 288 -3.02 -4.51 5.43
N THR B 289 -1.84 -5.09 5.37
CA THR B 289 -1.71 -6.49 5.02
C THR B 289 -2.44 -7.35 6.04
N LYS B 290 -2.28 -6.99 7.31
CA LYS B 290 -2.87 -7.72 8.43
C LYS B 290 -4.40 -7.57 8.51
N ILE B 291 -4.94 -6.54 7.86
CA ILE B 291 -6.37 -6.26 7.91
C ILE B 291 -7.20 -6.90 6.79
N LEU B 292 -6.64 -6.97 5.58
CA LEU B 292 -7.35 -7.46 4.40
C LEU B 292 -8.04 -8.83 4.53
N PRO B 293 -7.38 -9.77 5.21
CA PRO B 293 -8.03 -11.06 5.46
C PRO B 293 -9.33 -10.88 6.26
N GLY B 294 -9.28 -10.07 7.30
CA GLY B 294 -10.44 -9.85 8.16
C GLY B 294 -11.23 -8.58 7.89
N VAL B 295 -11.49 -8.32 6.61
CA VAL B 295 -12.19 -7.10 6.21
C VAL B 295 -13.28 -7.33 5.16
N THR B 296 -14.24 -6.40 5.15
CA THR B 296 -15.34 -6.41 4.22
C THR B 296 -15.71 -4.95 4.05
N THR B 297 -15.65 -4.44 2.82
CA THR B 297 -15.85 -3.02 2.60
C THR B 297 -16.40 -2.76 1.21
N ASN B 298 -16.92 -1.56 0.99
CA ASN B 298 -17.31 -1.16 -0.35
C ASN B 298 -16.38 -0.05 -0.82
N ILE B 299 -15.19 -0.03 -0.23
CA ILE B 299 -14.15 0.89 -0.64
C ILE B 299 -13.36 0.15 -1.71
N SER B 300 -13.25 0.75 -2.89
CA SER B 300 -12.50 0.15 -4.00
C SER B 300 -11.00 0.09 -3.72
N VAL B 301 -10.31 -0.71 -4.52
CA VAL B 301 -8.87 -0.78 -4.49
C VAL B 301 -8.32 0.58 -4.86
N ASN B 302 -9.03 1.25 -5.75
CA ASN B 302 -8.66 2.58 -6.20
C ASN B 302 -8.81 3.57 -5.05
N GLU B 303 -9.99 3.58 -4.44
CA GLU B 303 -10.28 4.48 -3.33
C GLU B 303 -9.31 4.23 -2.19
N MSE B 304 -8.90 2.98 -2.03
CA MSE B 304 -7.97 2.66 -0.95
C MSE B 304 -6.60 3.31 -1.17
O MSE B 304 -6.00 3.89 -0.26
CB MSE B 304 -7.84 1.15 -0.76
CG MSE B 304 -7.13 0.77 0.53
SE MSE B 304 -7.95 1.50 2.19
CE MSE B 304 -6.33 2.05 3.14
N ALA B 305 -6.10 3.22 -2.42
CA ALA B 305 -4.84 3.85 -2.76
C ALA B 305 -4.87 5.36 -2.52
N GLY B 306 -5.96 6.01 -2.95
CA GLY B 306 -6.09 7.44 -2.73
C GLY B 306 -6.09 7.81 -1.26
N LEU B 307 -6.87 7.09 -0.46
CA LEU B 307 -6.97 7.33 0.96
C LEU B 307 -5.64 7.07 1.65
N ALA B 308 -4.93 6.04 1.20
CA ALA B 308 -3.65 5.68 1.80
C ALA B 308 -2.64 6.80 1.60
N GLY B 309 -2.69 7.42 0.42
CA GLY B 309 -1.81 8.54 0.11
C GLY B 309 -2.30 9.79 0.81
N GLY B 310 -3.61 10.03 0.71
CA GLY B 310 -4.23 11.12 1.44
C GLY B 310 -3.86 11.08 2.92
N ALA B 311 -3.68 9.88 3.47
CA ALA B 311 -3.41 9.71 4.89
C ALA B 311 -1.96 10.03 5.19
N ILE B 312 -1.06 9.44 4.43
CA ILE B 312 0.36 9.64 4.65
C ILE B 312 0.75 11.10 4.44
N SER B 313 0.15 11.76 3.47
CA SER B 313 0.45 13.16 3.23
C SER B 313 -0.32 14.09 4.18
N SER B 314 -1.64 14.00 4.20
CA SER B 314 -2.44 14.90 5.04
C SER B 314 -3.01 14.28 6.32
N TYR B 315 -3.90 13.31 6.13
CA TYR B 315 -4.80 12.89 7.20
C TYR B 315 -4.14 12.64 8.57
N MSE B 316 -3.04 11.90 8.59
CA MSE B 316 -2.45 11.48 9.86
C MSE B 316 -1.84 12.62 10.70
O MSE B 316 -1.38 12.41 11.82
CB MSE B 316 -1.43 10.38 9.61
CG MSE B 316 -2.04 9.12 9.00
SE MSE B 316 -0.75 7.68 8.75
CE MSE B 316 -1.08 7.27 6.88
N ASP B 317 -1.83 13.83 10.14
CA ASP B 317 -1.34 14.99 10.88
C ASP B 317 -2.51 15.76 11.44
N TYR B 318 -3.72 15.43 11.01
CA TYR B 318 -4.91 16.03 11.61
C TYR B 318 -4.99 15.65 13.07
N PRO B 319 -5.48 16.58 13.91
CA PRO B 319 -5.83 16.20 15.29
C PRO B 319 -7.10 15.35 15.29
N MSE B 320 -7.21 14.46 16.26
CA MSE B 320 -8.32 13.50 16.29
C MSE B 320 -9.26 13.71 17.49
O MSE B 320 -8.82 13.98 18.60
CB MSE B 320 -7.78 12.09 16.32
CG MSE B 320 -8.82 11.01 16.19
SE MSE B 320 -7.90 9.32 16.03
CE MSE B 320 -7.93 9.27 14.18
N TYR B 321 -10.55 13.60 17.23
CA TYR B 321 -11.57 13.88 18.21
C TYR B 321 -12.54 12.71 18.29
N GLN B 322 -13.13 12.50 19.46
CA GLN B 322 -14.18 11.50 19.59
C GLN B 322 -15.46 12.06 20.21
N PHE B 323 -16.56 11.43 19.87
CA PHE B 323 -17.90 11.86 20.27
C PHE B 323 -18.70 10.58 20.36
N ARG B 324 -19.84 10.62 21.05
CA ARG B 324 -20.64 9.43 21.24
C ARG B 324 -22.13 9.77 21.31
N LEU B 325 -22.94 8.92 20.70
CA LEU B 325 -24.37 9.08 20.70
C LEU B 325 -24.98 7.80 21.23
N PRO B 326 -26.05 7.90 22.04
CA PRO B 326 -26.61 9.16 22.54
C PRO B 326 -25.61 9.81 23.50
N GLU B 327 -25.83 11.07 23.82
CA GLU B 327 -24.91 11.75 24.74
C GLU B 327 -25.26 11.48 26.21
N ASP B 328 -24.25 11.61 27.07
CA ASP B 328 -24.41 11.55 28.52
C ASP B 328 -25.64 12.33 29.00
N GLY B 329 -26.49 11.65 29.76
CA GLY B 329 -27.67 12.25 30.31
C GLY B 329 -28.76 12.52 29.30
N ALA B 330 -28.55 12.09 28.05
CA ALA B 330 -29.45 12.48 26.98
C ALA B 330 -30.36 11.35 26.56
N PHE B 331 -30.43 10.33 27.40
CA PHE B 331 -31.24 9.16 27.11
C PHE B 331 -31.71 8.49 28.39
N SER B 332 -32.52 7.45 28.25
CA SER B 332 -32.98 6.68 29.39
C SER B 332 -33.00 5.21 29.00
N ALA B 333 -32.56 4.35 29.92
CA ALA B 333 -32.62 2.91 29.69
C ALA B 333 -34.00 2.36 30.06
N VAL B 334 -34.78 2.01 29.03
CA VAL B 334 -36.16 1.56 29.22
C VAL B 334 -36.46 0.21 28.55
N ASP B 335 -37.35 -0.57 29.17
CA ASP B 335 -37.70 -1.90 28.68
C ASP B 335 -38.90 -1.85 27.76
N VAL B 336 -38.64 -2.04 26.47
CA VAL B 336 -39.69 -2.05 25.47
C VAL B 336 -39.83 -3.47 24.91
N ASP B 337 -40.59 -3.60 23.83
CA ASP B 337 -40.78 -4.91 23.21
C ASP B 337 -39.47 -5.48 22.64
N ALA B 338 -38.63 -4.60 22.09
CA ALA B 338 -37.35 -5.00 21.53
C ALA B 338 -36.31 -5.40 22.60
N GLY B 339 -36.67 -5.20 23.88
CA GLY B 339 -35.78 -5.50 25.00
C GLY B 339 -35.38 -4.22 25.73
N ASN B 340 -34.22 -4.22 26.39
CA ASN B 340 -33.75 -2.97 27.02
C ASN B 340 -32.96 -2.09 26.05
N VAL B 341 -33.56 -0.95 25.73
CA VAL B 341 -33.04 -0.01 24.76
C VAL B 341 -32.69 1.35 25.41
N LEU B 342 -31.92 2.16 24.69
CA LEU B 342 -31.57 3.50 25.14
C LEU B 342 -32.35 4.52 24.33
N ALA B 343 -33.40 5.06 24.93
CA ALA B 343 -34.28 6.02 24.26
C ALA B 343 -33.79 7.46 24.38
N ILE B 344 -33.69 8.16 23.26
CA ILE B 344 -33.25 9.55 23.23
C ILE B 344 -34.44 10.48 23.45
N ASP B 345 -34.39 11.31 24.49
CA ASP B 345 -35.52 12.19 24.77
C ASP B 345 -35.65 13.25 23.70
N ASP B 346 -34.52 13.70 23.17
CA ASP B 346 -34.49 14.80 22.21
C ASP B 346 -33.69 14.43 20.97
N TRP B 347 -34.41 14.10 19.90
CA TRP B 347 -33.78 13.61 18.68
C TRP B 347 -33.31 14.75 17.80
N ASP B 348 -33.99 15.89 17.86
CA ASP B 348 -33.56 17.06 17.13
C ASP B 348 -32.19 17.51 17.62
N ALA B 349 -32.01 17.50 18.94
CA ALA B 349 -30.77 17.95 19.57
C ALA B 349 -29.64 16.96 19.33
N ALA B 350 -29.99 15.68 19.31
CA ALA B 350 -29.02 14.62 19.03
C ALA B 350 -28.46 14.83 17.62
N ARG B 351 -29.34 15.17 16.69
CA ARG B 351 -28.93 15.43 15.31
C ARG B 351 -28.11 16.71 15.23
N GLU B 352 -28.62 17.78 15.83
CA GLU B 352 -27.94 19.08 15.81
C GLU B 352 -26.52 18.98 16.35
N HIS B 353 -26.33 18.19 17.38
CA HIS B 353 -25.02 18.04 17.99
C HIS B 353 -24.11 17.25 17.08
N LEU B 354 -24.59 16.12 16.59
CA LEU B 354 -23.76 15.26 15.77
C LEU B 354 -23.31 16.01 14.53
N GLN B 355 -24.25 16.72 13.92
CA GLN B 355 -23.99 17.41 12.67
C GLN B 355 -23.08 18.61 12.90
N ARG B 356 -23.24 19.25 14.07
CA ARG B 356 -22.30 20.30 14.48
C ARG B 356 -20.91 19.69 14.63
N PHE B 357 -20.81 18.57 15.32
CA PHE B 357 -19.51 17.98 15.62
C PHE B 357 -18.77 17.58 14.35
N ILE B 358 -19.51 17.31 13.29
CA ILE B 358 -18.89 16.88 12.05
C ILE B 358 -18.72 18.07 11.10
N TYR B 359 -19.83 18.77 10.83
CA TYR B 359 -19.85 19.77 9.79
C TYR B 359 -19.72 21.19 10.34
N GLU B 360 -19.70 21.29 11.67
CA GLU B 360 -19.44 22.55 12.36
C GLU B 360 -20.23 23.68 11.71
N ASP B 361 -19.52 24.71 11.24
CA ASP B 361 -20.18 25.88 10.66
C ASP B 361 -20.87 25.63 9.30
N THR B 362 -20.51 24.53 8.62
CA THR B 362 -21.20 24.15 7.38
C THR B 362 -22.73 24.11 7.59
N VAL B 363 -23.17 23.82 8.82
CA VAL B 363 -24.60 23.69 9.08
C VAL B 363 -25.25 24.92 9.74
N ASP B 364 -24.55 26.04 9.68
CA ASP B 364 -25.04 27.30 10.28
C ASP B 364 -26.29 27.88 9.60
N PRO B 365 -26.52 27.55 8.32
CA PRO B 365 -27.79 27.98 7.71
C PRO B 365 -29.00 27.25 8.31
N ILE B 366 -28.75 26.06 8.84
CA ILE B 366 -29.80 25.19 9.36
C ILE B 366 -30.18 25.47 10.80
N TYR B 367 -29.17 25.67 11.65
CA TYR B 367 -29.39 25.85 13.08
C TYR B 367 -28.90 27.19 13.60
N GLY B 368 -28.44 28.06 12.71
CA GLY B 368 -27.81 29.30 13.12
C GLY B 368 -26.41 29.00 13.65
N PRO B 369 -25.69 30.04 14.11
CA PRO B 369 -24.34 29.85 14.63
C PRO B 369 -24.36 29.30 16.05
N SER B 370 -23.28 28.64 16.45
CA SER B 370 -23.23 28.07 17.78
C SER B 370 -21.91 28.34 18.45
N THR B 371 -21.99 28.63 19.74
CA THR B 371 -20.82 28.76 20.58
C THR B 371 -20.36 27.37 20.95
N GLU B 372 -21.33 26.47 21.08
CA GLU B 372 -21.07 25.13 21.59
C GLU B 372 -20.07 24.31 20.78
N THR B 373 -19.36 23.44 21.50
CA THR B 373 -18.45 22.51 20.87
C THR B 373 -18.72 21.11 21.40
N TYR B 374 -18.69 20.11 20.52
CA TYR B 374 -18.99 18.76 20.93
C TYR B 374 -17.79 17.84 20.79
N GLY B 375 -17.78 16.75 21.54
CA GLY B 375 -16.70 15.79 21.44
C GLY B 375 -15.44 16.28 22.10
N SER B 376 -14.46 15.41 22.25
CA SER B 376 -13.24 15.80 22.93
C SER B 376 -12.00 15.25 22.22
N GLU B 377 -10.89 15.95 22.36
CA GLU B 377 -9.69 15.60 21.61
C GLU B 377 -8.98 14.40 22.21
N MSE B 378 -8.29 13.63 21.37
CA MSE B 378 -7.52 12.48 21.85
C MSE B 378 -6.00 12.72 21.93
O MSE B 378 -5.23 12.32 21.04
CB MSE B 378 -7.82 11.29 20.97
CG MSE B 378 -9.30 11.13 20.73
SE MSE B 378 -9.68 9.53 19.72
CE MSE B 378 -8.65 8.33 20.83
#